data_4P0W
#
_entry.id   4P0W
#
_cell.length_a   111.239
_cell.length_b   111.239
_cell.length_c   67.292
_cell.angle_alpha   90.000
_cell.angle_beta   90.000
_cell.angle_gamma   90.000
#
_symmetry.space_group_name_H-M   'P 41 21 2'
#
loop_
_entity.id
_entity.type
_entity.pdbx_description
1 polymer 'Farnesyl pyrophosphate synthase'
2 non-polymer 2-{[(1S,2R,4aS,8aR)-1,2,4a-trimethyl-5-methylidenedecahydronaphthalen-1-yl]methyl}cyclohexa-2,5-diene-1,4-dione
3 non-polymer 'ZOLEDRONIC ACID'
4 non-polymer 'MAGNESIUM ION'
5 water water
#
_entity_poly.entity_id   1
_entity_poly.type   'polypeptide(L)'
_entity_poly.pdbx_seq_one_letter_code
;NSDVYAQEKQDFVQHFSQIVRVLTEDEMGHPEIGDAIARLKEVLEYNAIGGKYNRGLTVVVAFRELVEPRKQDADSLQRA
WTVGWCVELLQAFFLVADDIMDSSLTRRGQICWYQKPGVGLDAINDANLLEACIYRLLKLYCREQPYYLNLIELFLQSSY
QTEIGQTLDLLTAPQGNVDLVRFTEKRYKSIVKYKTAFYSFYLPIAAAMYMAGIDGEKEHANAKKILLEMGEFFQIQDDY
LDLFGDPSVTGKIGTDIQDNKCSWLVVQCLQRATPEQYQILKENYGQKEAEKVARVKALYEELDLPAVFLQYEEDSYSHI
MALIEQYAAPLPPAVFLGLARKIYKRRK
;
_entity_poly.pdbx_strand_id   A
#
# COMPACT_ATOMS: atom_id res chain seq x y z
N ASP A 3 -17.66 -1.90 -6.27
CA ASP A 3 -19.16 -1.74 -6.33
C ASP A 3 -19.76 -1.36 -4.94
N VAL A 4 -19.58 -2.22 -3.95
CA VAL A 4 -19.69 -1.80 -2.53
C VAL A 4 -18.68 -0.68 -2.18
N TYR A 5 -17.48 -0.82 -2.73
CA TYR A 5 -16.49 0.23 -2.75
C TYR A 5 -16.96 1.48 -3.47
N ALA A 6 -17.44 1.29 -4.71
CA ALA A 6 -17.69 2.36 -5.68
C ALA A 6 -18.87 3.24 -5.27
N GLN A 7 -19.89 2.65 -4.67
CA GLN A 7 -20.92 3.46 -4.00
C GLN A 7 -20.37 4.34 -2.87
N GLU A 8 -19.60 3.73 -1.97
CA GLU A 8 -19.12 4.40 -0.75
C GLU A 8 -18.00 5.41 -0.98
N LYS A 9 -17.33 5.34 -2.13
CA LYS A 9 -16.22 6.24 -2.44
C LYS A 9 -16.61 7.68 -2.07
N GLN A 10 -17.71 8.17 -2.65
CA GLN A 10 -17.97 9.61 -2.70
C GLN A 10 -18.14 10.17 -1.30
N ASP A 11 -18.85 9.42 -0.45
CA ASP A 11 -19.08 9.85 0.92
C ASP A 11 -17.76 9.91 1.69
N PHE A 12 -16.83 9.01 1.32
CA PHE A 12 -15.56 8.88 2.01
C PHE A 12 -14.64 10.05 1.66
N VAL A 13 -14.58 10.36 0.36
CA VAL A 13 -13.79 11.48 -0.13
C VAL A 13 -14.27 12.86 0.39
N GLN A 14 -15.56 12.97 0.68
CA GLN A 14 -16.12 14.22 1.14
C GLN A 14 -15.76 14.43 2.58
N HIS A 15 -15.55 13.33 3.31
CA HIS A 15 -15.06 13.39 4.70
C HIS A 15 -13.66 13.99 4.81
N PHE A 16 -12.92 14.00 3.72
CA PHE A 16 -11.58 14.60 3.69
C PHE A 16 -11.51 16.09 3.97
N SER A 17 -12.42 16.90 3.47
CA SER A 17 -12.48 18.33 3.88
C SER A 17 -12.44 18.57 5.40
N GLN A 18 -13.14 17.72 6.16
CA GLN A 18 -13.22 17.78 7.63
C GLN A 18 -11.99 17.25 8.40
N ILE A 19 -11.49 16.07 8.01
CA ILE A 19 -10.10 15.65 8.35
C ILE A 19 -9.19 16.87 8.32
N VAL A 20 -9.15 17.55 7.17
CA VAL A 20 -8.24 18.66 7.01
C VAL A 20 -8.62 19.81 7.92
N ARG A 21 -9.91 20.13 7.96
CA ARG A 21 -10.39 21.12 8.93
C ARG A 21 -9.92 20.80 10.36
N VAL A 22 -10.24 19.63 10.85
CA VAL A 22 -9.91 19.28 12.22
C VAL A 22 -8.38 19.25 12.49
N LEU A 23 -7.58 18.82 11.51
CA LEU A 23 -6.13 18.88 11.65
C LEU A 23 -5.58 20.30 11.58
N THR A 24 -6.23 21.15 10.80
CA THR A 24 -5.85 22.55 10.74
C THR A 24 -6.45 23.41 11.89
N GLU A 25 -7.64 23.06 12.40
CA GLU A 25 -8.37 23.95 13.33
C GLU A 25 -7.80 23.78 14.73
N ASP A 26 -7.75 22.53 15.18
CA ASP A 26 -7.55 22.22 16.61
C ASP A 26 -6.21 22.71 17.19
N GLU A 27 -5.25 23.03 16.31
CA GLU A 27 -3.99 23.65 16.74
C GLU A 27 -3.83 25.10 16.26
N MET A 28 -4.79 25.64 15.49
CA MET A 28 -4.72 27.06 15.07
C MET A 28 -5.09 28.07 16.19
N GLY A 29 -5.70 27.58 17.28
CA GLY A 29 -5.57 28.18 18.62
C GLY A 29 -4.17 28.27 19.23
N HIS A 30 -3.15 27.82 18.50
CA HIS A 30 -1.79 28.35 18.56
C HIS A 30 -1.38 29.06 17.26
N PRO A 31 -1.61 30.38 17.16
CA PRO A 31 -1.38 31.10 15.87
C PRO A 31 0.07 31.12 15.38
N GLU A 32 1.02 31.15 16.32
CA GLU A 32 2.47 31.05 16.04
C GLU A 32 2.93 29.93 15.04
N ILE A 33 2.25 28.78 15.05
CA ILE A 33 2.57 27.69 14.11
C ILE A 33 1.78 27.76 12.80
N GLY A 34 1.08 28.88 12.56
CA GLY A 34 0.08 28.95 11.50
C GLY A 34 0.63 28.51 10.17
N ASP A 35 1.84 28.97 9.86
CA ASP A 35 2.50 28.63 8.60
C ASP A 35 2.86 27.13 8.51
N ALA A 36 3.16 26.49 9.64
CA ALA A 36 3.38 25.03 9.69
C ALA A 36 2.14 24.38 9.32
N ILE A 37 1.05 24.89 9.85
CA ILE A 37 -0.23 24.24 9.67
C ILE A 37 -0.64 24.35 8.22
N ALA A 38 -0.53 25.57 7.68
CA ALA A 38 -0.69 25.79 6.26
C ALA A 38 0.18 24.82 5.43
N ARG A 39 1.42 24.60 5.82
CA ARG A 39 2.24 23.63 5.06
C ARG A 39 1.66 22.19 5.13
N LEU A 40 1.15 21.79 6.28
CA LEU A 40 0.50 20.52 6.52
C LEU A 40 -0.64 20.37 5.58
N LYS A 41 -1.45 21.42 5.47
CA LYS A 41 -2.63 21.38 4.62
C LYS A 41 -2.16 21.04 3.23
N GLU A 42 -1.15 21.76 2.75
CA GLU A 42 -0.61 21.52 1.43
C GLU A 42 -0.12 20.06 1.35
N VAL A 43 0.64 19.61 2.33
CA VAL A 43 1.23 18.27 2.31
C VAL A 43 0.15 17.19 2.12
N LEU A 44 -0.93 17.34 2.88
CA LEU A 44 -2.12 16.50 2.83
C LEU A 44 -2.86 16.49 1.50
N GLU A 45 -3.06 17.67 0.94
CA GLU A 45 -3.86 17.81 -0.29
C GLU A 45 -3.07 17.24 -1.46
N TYR A 46 -1.75 17.40 -1.45
CA TYR A 46 -0.96 16.85 -2.52
C TYR A 46 -0.76 15.35 -2.37
N ASN A 47 -0.62 14.85 -1.15
CA ASN A 47 -0.14 13.45 -0.97
C ASN A 47 -1.14 12.44 -0.43
N ALA A 48 -2.26 12.91 0.13
CA ALA A 48 -3.43 12.05 0.43
C ALA A 48 -4.54 11.89 -0.65
N ILE A 49 -4.62 12.84 -1.57
CA ILE A 49 -5.66 12.87 -2.60
C ILE A 49 -5.04 12.35 -3.86
N GLY A 50 -5.87 11.70 -4.68
CA GLY A 50 -5.51 11.39 -6.06
C GLY A 50 -5.39 9.90 -6.34
N GLY A 51 -5.50 9.09 -5.31
CA GLY A 51 -5.41 7.67 -5.48
C GLY A 51 -6.78 7.05 -5.52
N LYS A 52 -6.85 5.73 -5.47
CA LYS A 52 -8.11 4.99 -5.53
C LYS A 52 -8.78 4.79 -4.16
N TYR A 53 -8.12 5.13 -3.06
CA TYR A 53 -8.68 5.01 -1.71
C TYR A 53 -9.12 3.65 -1.26
N ASN A 54 -8.65 2.60 -1.91
CA ASN A 54 -9.17 1.30 -1.59
C ASN A 54 -8.90 0.85 -0.17
N ARG A 55 -7.78 1.25 0.40
CA ARG A 55 -7.39 0.75 1.74
C ARG A 55 -8.22 1.44 2.78
N GLY A 56 -8.52 2.71 2.53
CA GLY A 56 -9.29 3.51 3.48
C GLY A 56 -10.75 3.15 3.32
N LEU A 57 -11.16 2.96 2.09
CA LEU A 57 -12.48 2.36 1.83
C LEU A 57 -12.62 0.98 2.45
N THR A 58 -11.59 0.16 2.43
CA THR A 58 -11.80 -1.17 3.02
C THR A 58 -12.23 -1.06 4.50
N VAL A 59 -11.73 -0.05 5.23
CA VAL A 59 -12.10 0.14 6.61
C VAL A 59 -13.62 0.43 6.66
N VAL A 60 -14.13 1.28 5.80
CA VAL A 60 -15.54 1.69 5.93
C VAL A 60 -16.48 0.53 5.52
N VAL A 61 -16.09 -0.15 4.47
CA VAL A 61 -16.90 -1.20 3.93
C VAL A 61 -16.96 -2.32 4.94
N ALA A 62 -15.82 -2.77 5.41
CA ALA A 62 -15.81 -3.88 6.36
C ALA A 62 -16.54 -3.50 7.61
N PHE A 63 -16.44 -2.24 8.02
CA PHE A 63 -17.07 -1.82 9.27
C PHE A 63 -18.60 -1.89 9.12
N ARG A 64 -19.12 -1.45 7.98
CA ARG A 64 -20.51 -1.66 7.62
C ARG A 64 -20.93 -3.12 7.70
N GLU A 65 -20.06 -4.05 7.32
CA GLU A 65 -20.43 -5.43 7.22
C GLU A 65 -20.33 -6.13 8.53
N LEU A 66 -19.61 -5.57 9.49
CA LEU A 66 -19.37 -6.26 10.76
C LEU A 66 -20.11 -5.67 11.94
N VAL A 67 -20.53 -4.43 11.82
CA VAL A 67 -21.30 -3.80 12.87
C VAL A 67 -22.77 -3.89 12.49
N GLU A 68 -23.59 -4.23 13.47
CA GLU A 68 -25.07 -4.29 13.39
C GLU A 68 -25.63 -2.90 13.12
N PRO A 69 -26.50 -2.75 12.11
CA PRO A 69 -26.82 -1.39 11.62
C PRO A 69 -27.43 -0.44 12.66
N ARG A 70 -28.04 -1.01 13.68
CA ARG A 70 -28.44 -0.29 14.89
C ARG A 70 -27.30 0.22 15.80
N LYS A 71 -26.06 -0.19 15.51
CA LYS A 71 -24.88 0.41 16.16
C LYS A 71 -24.16 1.42 15.25
N GLN A 72 -24.57 1.53 14.00
CA GLN A 72 -23.94 2.45 13.05
C GLN A 72 -24.58 3.82 13.08
N ASP A 73 -24.53 4.45 14.25
CA ASP A 73 -24.99 5.82 14.43
C ASP A 73 -24.07 6.77 13.71
N ALA A 74 -24.49 8.02 13.61
CA ALA A 74 -23.75 9.05 12.87
C ALA A 74 -22.30 9.17 13.36
N ASP A 75 -22.12 9.07 14.65
CA ASP A 75 -20.84 9.21 15.31
C ASP A 75 -19.95 8.02 15.05
N SER A 76 -20.57 6.86 15.10
CA SER A 76 -19.87 5.64 14.95
C SER A 76 -19.34 5.57 13.49
N LEU A 77 -20.03 6.23 12.58
CA LEU A 77 -19.61 6.26 11.19
C LEU A 77 -18.51 7.30 10.90
N GLN A 78 -18.65 8.50 11.45
CA GLN A 78 -17.55 9.44 11.56
C GLN A 78 -16.24 8.75 11.87
N ARG A 79 -16.24 7.94 12.91
CA ARG A 79 -15.03 7.27 13.36
C ARG A 79 -14.58 6.27 12.30
N ALA A 80 -15.47 5.44 11.78
CA ALA A 80 -15.14 4.58 10.66
C ALA A 80 -14.44 5.30 9.52
N TRP A 81 -15.02 6.40 9.01
CA TRP A 81 -14.44 7.14 7.90
C TRP A 81 -13.08 7.77 8.30
N THR A 82 -12.96 8.15 9.57
CA THR A 82 -11.75 8.78 10.07
C THR A 82 -10.61 7.76 10.15
N VAL A 83 -10.87 6.63 10.73
CA VAL A 83 -9.92 5.55 10.72
C VAL A 83 -9.57 5.06 9.32
N GLY A 84 -10.55 4.97 8.42
CA GLY A 84 -10.27 4.89 6.97
C GLY A 84 -9.22 5.87 6.45
N TRP A 85 -9.44 7.17 6.72
CA TRP A 85 -8.45 8.18 6.41
C TRP A 85 -7.09 8.05 7.16
N CYS A 86 -7.08 7.65 8.43
CA CYS A 86 -5.82 7.20 9.06
C CYS A 86 -5.07 6.13 8.25
N VAL A 87 -5.74 5.10 7.74
CA VAL A 87 -5.02 4.19 6.85
C VAL A 87 -4.45 4.89 5.64
N GLU A 88 -5.20 5.85 5.14
CA GLU A 88 -4.79 6.53 3.92
C GLU A 88 -3.52 7.35 4.16
N LEU A 89 -3.45 7.95 5.32
CA LEU A 89 -2.31 8.79 5.67
C LEU A 89 -1.06 7.99 5.93
N LEU A 90 -1.22 6.77 6.46
CA LEU A 90 -0.10 5.82 6.58
C LEU A 90 0.47 5.55 5.24
N GLN A 91 -0.41 5.29 4.30
CA GLN A 91 -0.03 5.07 2.91
C GLN A 91 0.79 6.23 2.40
N ALA A 92 0.23 7.42 2.54
CA ALA A 92 0.83 8.64 2.08
C ALA A 92 2.21 8.84 2.66
N PHE A 93 2.34 8.53 3.92
CA PHE A 93 3.59 8.65 4.61
C PHE A 93 4.68 7.78 3.97
N PHE A 94 4.44 6.47 3.83
CA PHE A 94 5.40 5.54 3.20
C PHE A 94 5.68 5.87 1.76
N LEU A 95 4.67 6.34 1.04
CA LEU A 95 4.83 6.58 -0.40
C LEU A 95 5.70 7.76 -0.58
N VAL A 96 5.47 8.84 0.18
CA VAL A 96 6.28 10.02 0.00
C VAL A 96 7.78 9.66 0.21
N ALA A 97 8.05 8.86 1.22
CA ALA A 97 9.44 8.47 1.51
C ALA A 97 9.98 7.44 0.51
N ASP A 98 9.12 6.51 0.08
CA ASP A 98 9.47 5.49 -0.93
C ASP A 98 9.84 6.13 -2.26
N ASP A 99 9.13 7.21 -2.61
CA ASP A 99 9.40 7.89 -3.87
C ASP A 99 10.81 8.49 -3.88
N ILE A 100 11.20 9.07 -2.76
CA ILE A 100 12.60 9.47 -2.57
C ILE A 100 13.55 8.31 -2.59
N MET A 101 13.38 7.29 -1.76
CA MET A 101 14.36 6.18 -1.79
C MET A 101 14.38 5.38 -3.12
N ASP A 102 13.28 5.34 -3.85
CA ASP A 102 13.21 4.71 -5.17
C ASP A 102 13.58 5.62 -6.35
N SER A 103 13.84 6.89 -6.06
CA SER A 103 14.15 7.87 -7.11
C SER A 103 13.08 7.93 -8.17
N SER A 104 11.84 7.91 -7.74
CA SER A 104 10.76 7.94 -8.68
C SER A 104 10.43 9.35 -9.19
N LEU A 105 9.64 9.38 -10.25
CA LEU A 105 9.37 10.61 -11.02
C LEU A 105 7.95 11.08 -10.77
N THR A 106 7.00 10.15 -10.85
CA THR A 106 5.58 10.51 -10.78
C THR A 106 4.92 9.50 -9.87
N ARG A 107 3.83 9.95 -9.29
CA ARG A 107 2.97 9.19 -8.39
C ARG A 107 1.55 9.69 -8.62
N ARG A 108 0.62 8.81 -8.92
CA ARG A 108 -0.79 9.21 -9.03
C ARG A 108 -1.05 10.24 -10.12
N GLY A 109 -0.18 10.34 -11.11
CA GLY A 109 -0.41 11.16 -12.27
C GLY A 109 0.20 12.54 -12.18
N GLN A 110 0.96 12.80 -11.13
CA GLN A 110 1.69 14.05 -11.03
C GLN A 110 3.10 13.82 -10.55
N ILE A 111 3.87 14.89 -10.47
CA ILE A 111 5.23 14.79 -10.03
C ILE A 111 5.20 14.35 -8.58
N CYS A 112 6.18 13.50 -8.24
CA CYS A 112 6.46 13.18 -6.85
C CYS A 112 6.71 14.46 -6.04
N TRP A 113 6.14 14.51 -4.84
CA TRP A 113 6.29 15.61 -3.89
C TRP A 113 7.75 16.10 -3.72
N TYR A 114 8.70 15.19 -3.51
CA TYR A 114 10.11 15.56 -3.45
C TYR A 114 10.72 16.06 -4.72
N GLN A 115 10.09 15.80 -5.86
CA GLN A 115 10.53 16.40 -7.15
C GLN A 115 10.02 17.80 -7.44
N LYS A 116 9.04 18.28 -6.68
CA LYS A 116 8.52 19.61 -6.85
C LYS A 116 9.56 20.63 -6.48
N PRO A 117 9.82 21.62 -7.38
CA PRO A 117 10.59 22.82 -7.02
C PRO A 117 10.21 23.36 -5.67
N GLY A 118 11.21 23.52 -4.80
CA GLY A 118 11.02 24.11 -3.48
C GLY A 118 10.55 23.18 -2.36
N VAL A 119 10.51 21.89 -2.62
CA VAL A 119 10.19 20.91 -1.63
C VAL A 119 11.45 20.14 -1.28
N GLY A 120 11.92 19.34 -2.24
CA GLY A 120 13.10 18.53 -2.13
C GLY A 120 13.04 17.64 -0.93
N LEU A 121 14.14 17.62 -0.20
CA LEU A 121 14.32 16.70 0.88
C LEU A 121 13.64 17.16 2.17
N ASP A 122 13.09 18.37 2.21
CA ASP A 122 12.03 18.73 3.16
C ASP A 122 10.83 17.74 3.25
N ALA A 123 10.51 17.10 2.12
CA ALA A 123 9.65 15.93 2.07
C ALA A 123 9.86 14.92 3.16
N ILE A 124 11.07 14.80 3.65
CA ILE A 124 11.32 13.90 4.78
C ILE A 124 10.49 14.27 6.00
N ASN A 125 10.46 15.54 6.35
CA ASN A 125 9.67 15.96 7.52
C ASN A 125 8.18 16.03 7.19
N ASP A 126 7.84 16.43 5.98
CA ASP A 126 6.49 16.25 5.50
C ASP A 126 5.97 14.84 5.75
N ALA A 127 6.69 13.81 5.33
CA ALA A 127 6.29 12.45 5.64
C ALA A 127 6.06 12.17 7.12
N ASN A 128 6.96 12.58 7.96
CA ASN A 128 6.84 12.28 9.36
C ASN A 128 5.59 12.88 9.95
N LEU A 129 5.19 14.05 9.43
CA LEU A 129 3.95 14.76 9.86
C LEU A 129 2.74 14.02 9.49
N LEU A 130 2.75 13.53 8.26
CA LEU A 130 1.64 12.69 7.80
C LEU A 130 1.42 11.59 8.77
N GLU A 131 2.51 11.00 9.25
CA GLU A 131 2.44 9.89 10.18
C GLU A 131 1.86 10.35 11.53
N ALA A 132 2.39 11.40 12.10
CA ALA A 132 1.78 11.99 13.31
C ALA A 132 0.28 12.33 13.20
N CYS A 133 -0.19 12.67 12.01
CA CYS A 133 -1.59 13.06 11.90
C CYS A 133 -2.51 11.91 12.22
N ILE A 134 -2.03 10.69 11.94
CA ILE A 134 -2.75 9.50 12.24
C ILE A 134 -3.06 9.46 13.69
N TYR A 135 -2.04 9.69 14.53
CA TYR A 135 -2.23 9.50 15.96
C TYR A 135 -3.02 10.67 16.50
N ARG A 136 -2.84 11.88 15.95
CA ARG A 136 -3.75 13.03 16.32
C ARG A 136 -5.25 12.74 16.15
N LEU A 137 -5.64 12.12 15.04
CA LEU A 137 -7.04 11.82 14.74
C LEU A 137 -7.54 10.72 15.61
N LEU A 138 -6.76 9.67 15.76
CA LEU A 138 -7.18 8.61 16.68
C LEU A 138 -7.57 9.23 18.03
N LYS A 139 -6.75 10.11 18.57
CA LYS A 139 -7.01 10.72 19.88
C LYS A 139 -8.29 11.58 19.80
N LEU A 140 -8.48 12.27 18.66
CA LEU A 140 -9.59 13.19 18.50
C LEU A 140 -10.92 12.49 18.39
N TYR A 141 -10.96 11.41 17.62
CA TYR A 141 -12.21 10.80 17.27
C TYR A 141 -12.45 9.54 18.10
N CYS A 142 -11.43 8.96 18.74
CA CYS A 142 -11.57 7.59 19.34
C CYS A 142 -11.01 7.46 20.73
N ARG A 143 -10.61 8.57 21.33
CA ARG A 143 -9.91 8.56 22.64
C ARG A 143 -10.72 7.80 23.70
N GLU A 144 -12.05 7.80 23.58
CA GLU A 144 -12.91 7.25 24.63
C GLU A 144 -13.48 5.87 24.26
N GLN A 145 -13.14 5.34 23.09
CA GLN A 145 -13.57 4.00 22.68
C GLN A 145 -12.72 2.94 23.34
N PRO A 146 -13.26 1.74 23.56
CA PRO A 146 -12.48 0.64 24.19
C PRO A 146 -11.49 -0.05 23.24
N TYR A 147 -11.56 0.30 21.95
CA TYR A 147 -10.59 -0.18 20.96
C TYR A 147 -9.42 0.78 20.69
N TYR A 148 -9.31 1.86 21.45
CA TYR A 148 -8.42 3.00 21.09
C TYR A 148 -6.97 2.57 21.10
N LEU A 149 -6.58 1.93 22.19
CA LEU A 149 -5.28 1.32 22.32
C LEU A 149 -5.06 0.17 21.36
N ASN A 150 -6.06 -0.66 21.06
CA ASN A 150 -5.85 -1.69 20.00
C ASN A 150 -5.45 -1.05 18.66
N LEU A 151 -6.08 0.08 18.36
CA LEU A 151 -5.89 0.76 17.11
C LEU A 151 -4.49 1.36 17.08
N ILE A 152 -4.09 1.96 18.19
CA ILE A 152 -2.77 2.60 18.20
C ILE A 152 -1.64 1.55 18.02
N GLU A 153 -1.68 0.50 18.82
CA GLU A 153 -0.75 -0.62 18.67
C GLU A 153 -0.83 -1.17 17.28
N LEU A 154 -2.01 -1.30 16.70
CA LEU A 154 -2.11 -1.80 15.31
C LEU A 154 -1.41 -0.91 14.26
N PHE A 155 -1.75 0.37 14.20
CA PHE A 155 -1.03 1.28 13.32
C PHE A 155 0.52 1.32 13.60
N LEU A 156 0.96 1.28 14.85
CA LEU A 156 2.41 1.29 15.13
C LEU A 156 3.08 -0.01 14.64
N GLN A 157 2.45 -1.13 14.94
CA GLN A 157 2.96 -2.45 14.60
C GLN A 157 3.02 -2.59 13.09
N SER A 158 1.99 -2.10 12.41
CA SER A 158 1.99 -2.17 10.96
C SER A 158 3.05 -1.27 10.33
N SER A 159 3.36 -0.14 10.94
CA SER A 159 4.48 0.67 10.45
C SER A 159 5.82 0.01 10.65
N TYR A 160 6.09 -0.53 11.83
CA TYR A 160 7.36 -1.26 12.06
C TYR A 160 7.48 -2.38 11.00
N GLN A 161 6.41 -3.12 10.78
CA GLN A 161 6.48 -4.24 9.85
C GLN A 161 6.79 -3.72 8.48
N THR A 162 6.22 -2.58 8.11
CA THR A 162 6.41 -2.16 6.71
C THR A 162 7.78 -1.53 6.56
N GLU A 163 8.29 -0.87 7.61
CA GLU A 163 9.72 -0.46 7.69
C GLU A 163 10.69 -1.62 7.69
N ILE A 164 10.42 -2.68 8.40
CA ILE A 164 11.32 -3.85 8.31
C ILE A 164 11.32 -4.33 6.84
N GLY A 165 10.14 -4.32 6.21
CA GLY A 165 10.00 -4.71 4.77
C GLY A 165 10.80 -3.83 3.81
N GLN A 166 10.68 -2.52 4.00
CA GLN A 166 11.50 -1.59 3.21
C GLN A 166 13.00 -1.81 3.41
N THR A 167 13.43 -2.11 4.63
CA THR A 167 14.84 -2.31 4.84
C THR A 167 15.27 -3.49 3.98
N LEU A 168 14.46 -4.54 3.99
CA LEU A 168 14.74 -5.71 3.17
C LEU A 168 14.70 -5.39 1.68
N ASP A 169 13.65 -4.68 1.27
CA ASP A 169 13.55 -4.12 -0.10
C ASP A 169 14.88 -3.42 -0.49
N LEU A 170 15.46 -2.61 0.40
CA LEU A 170 16.62 -1.72 0.03
C LEU A 170 17.92 -2.47 0.14
N LEU A 171 18.07 -3.32 1.15
CA LEU A 171 19.26 -4.17 1.32
C LEU A 171 19.48 -5.16 0.17
N THR A 172 18.39 -5.59 -0.44
CA THR A 172 18.42 -6.56 -1.53
C THR A 172 18.63 -5.83 -2.85
N ALA A 173 18.55 -4.50 -2.83
CA ALA A 173 18.72 -3.69 -4.06
C ALA A 173 19.75 -2.58 -3.95
N PRO A 174 20.98 -2.88 -3.50
CA PRO A 174 22.05 -1.89 -3.45
C PRO A 174 22.43 -1.39 -4.88
N GLN A 175 22.52 -0.06 -5.02
CA GLN A 175 22.78 0.59 -6.31
C GLN A 175 24.18 0.23 -6.85
N GLY A 176 24.29 0.15 -8.16
CA GLY A 176 25.57 -0.21 -8.78
C GLY A 176 26.21 -1.48 -8.27
N ASN A 177 25.41 -2.48 -7.95
CA ASN A 177 25.92 -3.66 -7.30
C ASN A 177 25.02 -4.87 -7.57
N VAL A 178 25.27 -5.57 -8.68
CA VAL A 178 24.57 -6.84 -8.94
C VAL A 178 24.99 -7.96 -7.99
N ASP A 179 24.02 -8.61 -7.36
CA ASP A 179 23.89 -10.07 -7.43
C ASP A 179 22.42 -10.39 -7.75
N LEU A 180 22.19 -10.67 -9.03
CA LEU A 180 21.18 -11.64 -9.45
C LEU A 180 20.92 -12.73 -8.41
N VAL A 181 21.96 -13.22 -7.75
CA VAL A 181 21.83 -14.39 -6.91
C VAL A 181 21.00 -14.21 -5.66
N ARG A 182 20.94 -13.02 -5.08
CA ARG A 182 20.04 -12.86 -3.91
C ARG A 182 18.55 -12.86 -4.30
N PHE A 183 18.23 -12.82 -5.58
CA PHE A 183 16.85 -12.62 -6.02
C PHE A 183 16.12 -13.93 -6.12
N THR A 184 15.77 -14.50 -4.98
CA THR A 184 15.05 -15.75 -4.91
C THR A 184 13.55 -15.52 -4.61
N GLU A 185 12.80 -16.60 -4.85
CA GLU A 185 11.45 -16.74 -4.33
C GLU A 185 11.35 -16.49 -2.83
N LYS A 186 12.23 -17.09 -2.02
CA LYS A 186 12.04 -17.07 -0.58
C LYS A 186 12.21 -15.63 -0.13
N ARG A 187 13.29 -15.01 -0.62
CA ARG A 187 13.60 -13.66 -0.30
C ARG A 187 12.44 -12.74 -0.78
N TYR A 188 11.89 -13.02 -1.95
CA TYR A 188 10.83 -12.21 -2.54
C TYR A 188 9.64 -12.18 -1.66
N LYS A 189 9.19 -13.36 -1.29
CA LYS A 189 7.95 -13.47 -0.54
C LYS A 189 8.11 -12.78 0.82
N SER A 190 9.32 -12.75 1.33
CA SER A 190 9.59 -12.16 2.62
C SER A 190 9.52 -10.64 2.50
N ILE A 191 10.11 -10.14 1.45
CA ILE A 191 10.13 -8.75 1.24
C ILE A 191 8.68 -8.27 1.19
N VAL A 192 7.89 -8.95 0.35
CA VAL A 192 6.58 -8.41 -0.01
C VAL A 192 5.58 -8.56 1.15
N LYS A 193 5.80 -9.59 1.96
CA LYS A 193 4.99 -9.77 3.15
C LYS A 193 5.06 -8.60 4.09
N TYR A 194 6.29 -8.18 4.39
CA TYR A 194 6.51 -7.09 5.30
C TYR A 194 6.24 -5.71 4.68
N LYS A 195 6.71 -5.48 3.45
CA LYS A 195 6.65 -4.15 2.84
C LYS A 195 5.31 -3.72 2.37
N THR A 196 4.44 -4.70 1.99
CA THR A 196 3.11 -4.37 1.47
C THR A 196 1.93 -5.05 2.16
N ALA A 197 2.13 -6.27 2.61
CA ALA A 197 0.97 -7.10 2.86
C ALA A 197 0.33 -6.75 4.19
N PHE A 198 1.10 -6.42 5.21
CA PHE A 198 0.49 -6.07 6.47
C PHE A 198 -0.29 -4.77 6.37
N TYR A 199 0.30 -3.70 5.86
CA TYR A 199 -0.36 -2.39 5.89
C TYR A 199 -1.42 -2.23 4.84
N SER A 200 -1.32 -2.98 3.75
CA SER A 200 -2.27 -2.77 2.66
C SER A 200 -3.52 -3.65 2.75
N PHE A 201 -3.46 -4.68 3.57
CA PHE A 201 -4.52 -5.68 3.66
C PHE A 201 -4.92 -6.03 5.10
N TYR A 202 -3.97 -6.49 5.91
CA TYR A 202 -4.32 -6.81 7.27
C TYR A 202 -4.78 -5.54 8.03
N LEU A 203 -4.02 -4.47 7.94
CA LEU A 203 -4.29 -3.26 8.76
C LEU A 203 -5.75 -2.82 8.61
N PRO A 204 -6.22 -2.59 7.38
CA PRO A 204 -7.54 -1.98 7.34
C PRO A 204 -8.66 -2.90 7.82
N ILE A 205 -8.56 -4.19 7.53
CA ILE A 205 -9.60 -5.10 7.96
C ILE A 205 -9.55 -5.28 9.48
N ALA A 206 -8.34 -5.31 10.01
CA ALA A 206 -8.17 -5.52 11.43
C ALA A 206 -8.66 -4.30 12.15
N ALA A 207 -8.40 -3.13 11.57
CA ALA A 207 -8.85 -1.87 12.16
C ALA A 207 -10.33 -1.98 12.32
N ALA A 208 -10.97 -2.51 11.30
CA ALA A 208 -12.44 -2.52 11.32
C ALA A 208 -12.97 -3.62 12.23
N MET A 209 -12.23 -4.72 12.33
CA MET A 209 -12.50 -5.70 13.38
C MET A 209 -12.46 -5.13 14.81
N TYR A 210 -11.41 -4.42 15.14
CA TYR A 210 -11.32 -3.84 16.48
C TYR A 210 -12.43 -2.83 16.73
N MET A 211 -12.76 -2.05 15.74
CA MET A 211 -13.93 -1.16 15.84
C MET A 211 -15.29 -1.87 16.11
N ALA A 212 -15.44 -3.09 15.63
CA ALA A 212 -16.66 -3.86 15.80
C ALA A 212 -16.62 -4.73 17.04
N GLY A 213 -15.51 -4.68 17.78
CA GLY A 213 -15.37 -5.40 19.03
C GLY A 213 -14.87 -6.82 18.84
N ILE A 214 -14.37 -7.14 17.66
CA ILE A 214 -13.84 -8.47 17.39
C ILE A 214 -12.35 -8.37 17.54
N ASP A 215 -11.87 -8.75 18.72
CA ASP A 215 -10.48 -8.54 19.09
C ASP A 215 -9.77 -9.85 19.32
N GLY A 216 -10.42 -10.97 19.07
CA GLY A 216 -9.86 -12.25 19.57
C GLY A 216 -8.64 -12.62 18.73
N GLU A 217 -7.66 -13.21 19.36
CA GLU A 217 -6.43 -13.55 18.69
C GLU A 217 -6.71 -14.48 17.48
N LYS A 218 -7.61 -15.45 17.65
CA LYS A 218 -7.85 -16.45 16.59
C LYS A 218 -8.58 -15.90 15.33
N GLU A 219 -9.51 -14.99 15.54
CA GLU A 219 -10.25 -14.39 14.45
C GLU A 219 -9.31 -13.44 13.69
N HIS A 220 -8.31 -12.87 14.36
CA HIS A 220 -7.30 -12.02 13.70
C HIS A 220 -6.30 -12.82 12.93
N ALA A 221 -5.82 -13.92 13.51
CA ALA A 221 -4.84 -14.75 12.82
C ALA A 221 -5.46 -15.35 11.54
N ASN A 222 -6.71 -15.76 11.61
CA ASN A 222 -7.37 -16.31 10.44
C ASN A 222 -7.60 -15.29 9.36
N ALA A 223 -7.95 -14.06 9.75
CA ALA A 223 -8.11 -12.97 8.79
C ALA A 223 -6.78 -12.72 8.14
N LYS A 224 -5.78 -12.48 8.98
CA LYS A 224 -4.36 -12.43 8.56
C LYS A 224 -4.00 -13.51 7.48
N LYS A 225 -4.42 -14.73 7.68
CA LYS A 225 -4.00 -15.79 6.74
C LYS A 225 -4.47 -15.49 5.30
N ILE A 226 -5.75 -15.17 5.16
CA ILE A 226 -6.26 -14.64 3.90
C ILE A 226 -5.48 -13.38 3.41
N LEU A 227 -5.35 -12.38 4.29
CA LEU A 227 -4.98 -11.05 3.84
C LEU A 227 -3.47 -10.95 3.48
N LEU A 228 -2.59 -11.66 4.18
CA LEU A 228 -1.21 -11.70 3.72
C LEU A 228 -1.08 -12.27 2.33
N GLU A 229 -1.85 -13.30 2.03
CA GLU A 229 -1.68 -13.94 0.73
C GLU A 229 -2.21 -13.04 -0.37
N MET A 230 -3.30 -12.35 -0.11
CA MET A 230 -3.79 -11.34 -1.05
C MET A 230 -2.75 -10.21 -1.23
N GLY A 231 -2.13 -9.79 -0.13
CA GLY A 231 -1.04 -8.81 -0.20
C GLY A 231 0.16 -9.27 -1.04
N GLU A 232 0.51 -10.54 -0.97
CA GLU A 232 1.58 -11.06 -1.85
C GLU A 232 1.14 -10.90 -3.30
N PHE A 233 -0.06 -11.35 -3.63
CA PHE A 233 -0.57 -11.22 -4.99
C PHE A 233 -0.53 -9.75 -5.48
N PHE A 234 -0.96 -8.84 -4.60
CA PHE A 234 -1.12 -7.44 -4.94
C PHE A 234 0.24 -6.91 -5.27
N GLN A 235 1.26 -7.27 -4.50
CA GLN A 235 2.59 -6.72 -4.79
C GLN A 235 3.20 -7.24 -6.09
N ILE A 236 2.87 -8.50 -6.45
CA ILE A 236 3.38 -9.12 -7.68
C ILE A 236 2.75 -8.39 -8.86
N GLN A 237 1.47 -8.13 -8.75
CA GLN A 237 0.80 -7.21 -9.64
C GLN A 237 1.47 -5.81 -9.76
N ASP A 238 1.87 -5.22 -8.62
CA ASP A 238 2.58 -3.92 -8.60
C ASP A 238 3.89 -3.98 -9.38
N ASP A 239 4.64 -5.07 -9.17
CA ASP A 239 5.90 -5.33 -9.90
C ASP A 239 5.66 -5.54 -11.38
N TYR A 240 4.59 -6.26 -11.74
CA TYR A 240 4.29 -6.43 -13.18
C TYR A 240 3.93 -5.08 -13.85
N LEU A 241 3.03 -4.34 -13.22
CA LEU A 241 2.67 -2.99 -13.70
C LEU A 241 3.82 -2.00 -13.77
N ASP A 242 4.89 -2.19 -12.99
CA ASP A 242 5.99 -1.23 -12.98
C ASP A 242 6.68 -1.19 -14.35
N LEU A 243 6.75 -2.35 -15.03
CA LEU A 243 7.24 -2.44 -16.40
C LEU A 243 6.14 -2.39 -17.54
N PHE A 244 5.08 -3.19 -17.38
CA PHE A 244 4.10 -3.46 -18.43
C PHE A 244 2.78 -2.71 -18.21
N GLY A 245 2.74 -1.82 -17.24
CA GLY A 245 1.55 -1.06 -17.00
C GLY A 245 1.54 0.16 -17.86
N ASP A 246 0.38 0.77 -18.00
CA ASP A 246 0.23 1.97 -18.82
C ASP A 246 0.20 3.16 -17.88
N PRO A 247 1.22 4.03 -17.93
CA PRO A 247 1.39 5.10 -16.94
C PRO A 247 0.26 6.10 -16.88
N SER A 248 -0.65 6.06 -17.84
CA SER A 248 -1.85 6.92 -17.78
C SER A 248 -2.92 6.28 -16.94
N VAL A 249 -2.92 4.94 -16.88
CA VAL A 249 -3.69 4.18 -15.88
C VAL A 249 -2.98 4.22 -14.51
N THR A 250 -1.75 3.71 -14.44
CA THR A 250 -1.11 3.54 -13.13
C THR A 250 -0.80 4.89 -12.44
N GLY A 251 -0.64 5.97 -13.21
CA GLY A 251 -0.23 7.25 -12.65
C GLY A 251 1.25 7.30 -12.27
N LYS A 252 2.05 6.29 -12.68
CA LYS A 252 3.47 6.30 -12.28
C LYS A 252 4.44 5.54 -13.21
N ILE A 253 5.67 6.02 -13.23
CA ILE A 253 6.72 5.47 -14.10
C ILE A 253 7.61 4.50 -13.32
N GLY A 254 7.95 3.41 -13.98
CA GLY A 254 8.63 2.31 -13.36
C GLY A 254 10.06 2.71 -13.18
N THR A 255 10.68 2.07 -12.17
CA THR A 255 12.11 2.21 -11.82
C THR A 255 12.71 0.90 -11.28
N ASP A 256 11.98 -0.20 -11.24
CA ASP A 256 12.48 -1.44 -10.56
C ASP A 256 13.79 -1.92 -11.18
N ILE A 257 13.94 -1.83 -12.48
CA ILE A 257 15.15 -2.40 -13.16
C ILE A 257 16.38 -1.53 -12.92
N GLN A 258 16.33 -0.27 -13.34
CA GLN A 258 17.18 0.83 -12.81
C GLN A 258 17.63 0.71 -11.34
N ASP A 259 16.65 0.60 -10.44
CA ASP A 259 16.95 0.59 -9.02
C ASP A 259 17.37 -0.79 -8.54
N ASN A 260 17.70 -1.69 -9.47
CA ASN A 260 18.22 -2.96 -9.08
C ASN A 260 17.31 -3.78 -8.14
N LYS A 261 15.98 -3.79 -8.37
CA LYS A 261 15.04 -4.32 -7.36
C LYS A 261 14.83 -5.83 -7.50
N CYS A 262 14.59 -6.53 -6.40
CA CYS A 262 13.97 -7.89 -6.37
C CYS A 262 12.46 -7.84 -6.71
N SER A 263 12.18 -7.42 -7.94
CA SER A 263 10.88 -7.58 -8.57
C SER A 263 10.52 -9.07 -8.84
N TRP A 264 9.21 -9.34 -8.86
CA TRP A 264 8.75 -10.67 -9.19
C TRP A 264 9.23 -11.03 -10.61
N LEU A 265 9.23 -10.05 -11.49
CA LEU A 265 9.65 -10.27 -12.88
C LEU A 265 11.06 -10.86 -12.95
N VAL A 266 12.01 -10.19 -12.32
CA VAL A 266 13.36 -10.71 -12.27
C VAL A 266 13.48 -12.07 -11.59
N VAL A 267 12.64 -12.38 -10.60
CA VAL A 267 12.78 -13.69 -9.96
C VAL A 267 12.38 -14.79 -10.98
N GLN A 268 11.31 -14.50 -11.70
CA GLN A 268 10.76 -15.42 -12.64
C GLN A 268 11.75 -15.64 -13.79
N CYS A 269 12.06 -14.56 -14.50
CA CYS A 269 13.26 -14.48 -15.32
C CYS A 269 14.45 -15.42 -14.94
N LEU A 270 15.00 -15.25 -13.76
CA LEU A 270 16.10 -16.06 -13.30
C LEU A 270 15.77 -17.56 -13.26
N GLN A 271 14.51 -17.88 -12.97
CA GLN A 271 14.06 -19.27 -12.89
C GLN A 271 14.02 -19.90 -14.28
N ARG A 272 13.92 -19.08 -15.31
CA ARG A 272 13.67 -19.55 -16.66
C ARG A 272 14.91 -19.40 -17.55
N ALA A 273 15.93 -18.68 -17.09
CA ALA A 273 16.94 -18.13 -18.01
C ALA A 273 17.93 -19.20 -18.43
N THR A 274 18.23 -19.26 -19.73
CA THR A 274 19.41 -20.00 -20.21
C THR A 274 20.63 -19.32 -19.66
N PRO A 275 21.77 -20.01 -19.65
CA PRO A 275 22.88 -19.34 -18.95
C PRO A 275 23.33 -18.02 -19.60
N GLU A 276 23.06 -17.86 -20.89
CA GLU A 276 23.58 -16.74 -21.65
C GLU A 276 22.57 -15.60 -21.66
N GLN A 277 21.30 -15.96 -21.54
CA GLN A 277 20.29 -15.04 -21.03
C GLN A 277 20.55 -14.48 -19.64
N TYR A 278 20.94 -15.35 -18.72
CA TYR A 278 21.48 -14.91 -17.44
C TYR A 278 22.49 -13.76 -17.58
N GLN A 279 23.42 -13.89 -18.51
CA GLN A 279 24.53 -12.95 -18.60
C GLN A 279 24.03 -11.63 -19.15
N ILE A 280 23.12 -11.70 -20.09
CA ILE A 280 22.50 -10.49 -20.64
C ILE A 280 21.84 -9.68 -19.52
N LEU A 281 21.20 -10.39 -18.59
CA LEU A 281 20.60 -9.81 -17.41
C LEU A 281 21.65 -9.19 -16.53
N LYS A 282 22.65 -9.99 -16.21
CA LYS A 282 23.82 -9.52 -15.45
C LYS A 282 24.37 -8.16 -15.93
N GLU A 283 24.44 -7.99 -17.24
CA GLU A 283 25.17 -6.88 -17.85
C GLU A 283 24.29 -5.65 -17.84
N ASN A 284 22.97 -5.84 -17.79
CA ASN A 284 22.03 -4.79 -18.09
C ASN A 284 21.12 -4.36 -16.95
N TYR A 285 21.11 -5.07 -15.82
CA TYR A 285 20.10 -4.91 -14.77
C TYR A 285 20.62 -3.86 -13.79
N GLY A 286 19.72 -3.14 -13.12
CA GLY A 286 20.17 -2.18 -12.11
C GLY A 286 21.06 -1.04 -12.58
N GLN A 287 20.90 -0.61 -13.81
CA GLN A 287 21.65 0.54 -14.33
C GLN A 287 20.70 1.52 -14.97
N LYS A 288 21.11 2.81 -15.00
CA LYS A 288 20.16 3.87 -15.27
C LYS A 288 19.91 3.99 -16.79
N GLU A 289 20.78 3.38 -17.58
CA GLU A 289 20.84 3.60 -19.04
C GLU A 289 19.65 3.00 -19.79
N ALA A 290 18.84 3.86 -20.43
CA ALA A 290 17.59 3.48 -21.07
C ALA A 290 17.69 2.31 -22.01
N GLU A 291 18.81 2.13 -22.69
CA GLU A 291 18.93 1.06 -23.68
C GLU A 291 19.27 -0.26 -22.99
N LYS A 292 19.75 -0.18 -21.76
CA LYS A 292 20.01 -1.39 -20.99
C LYS A 292 18.76 -1.89 -20.29
N VAL A 293 17.88 -0.96 -19.93
CA VAL A 293 16.58 -1.32 -19.38
C VAL A 293 15.82 -2.02 -20.50
N ALA A 294 15.73 -1.36 -21.68
CA ALA A 294 15.00 -1.92 -22.84
C ALA A 294 15.42 -3.36 -23.17
N ARG A 295 16.70 -3.65 -23.02
CA ARG A 295 17.22 -5.00 -23.27
C ARG A 295 16.65 -6.01 -22.26
N VAL A 296 16.60 -5.64 -20.98
CA VAL A 296 15.94 -6.47 -19.99
C VAL A 296 14.45 -6.73 -20.29
N LYS A 297 13.71 -5.67 -20.57
CA LYS A 297 12.33 -5.82 -20.94
C LYS A 297 12.17 -6.83 -22.09
N ALA A 298 13.07 -6.76 -23.07
CA ALA A 298 12.95 -7.59 -24.28
C ALA A 298 13.10 -9.06 -23.87
N LEU A 299 14.06 -9.27 -23.00
CA LEU A 299 14.34 -10.56 -22.45
C LEU A 299 13.16 -11.16 -21.65
N TYR A 300 12.57 -10.33 -20.80
CA TYR A 300 11.33 -10.67 -20.14
C TYR A 300 10.25 -11.07 -21.16
N GLU A 301 10.09 -10.28 -22.20
CA GLU A 301 9.07 -10.51 -23.24
C GLU A 301 9.39 -11.77 -24.01
N GLU A 302 10.67 -11.98 -24.21
CA GLU A 302 11.14 -13.17 -24.87
C GLU A 302 10.90 -14.45 -24.06
N LEU A 303 10.72 -14.36 -22.75
CA LEU A 303 10.20 -15.54 -21.99
C LEU A 303 8.73 -15.43 -21.57
N ASP A 304 7.93 -14.72 -22.34
CA ASP A 304 6.46 -14.76 -22.17
C ASP A 304 6.07 -14.52 -20.71
N LEU A 305 6.84 -13.69 -20.01
CA LEU A 305 6.59 -13.41 -18.59
C LEU A 305 5.27 -12.67 -18.39
N PRO A 306 4.83 -11.86 -19.38
CA PRO A 306 3.45 -11.34 -19.26
C PRO A 306 2.35 -12.43 -19.25
N ALA A 307 2.51 -13.49 -20.04
CA ALA A 307 1.63 -14.66 -20.00
C ALA A 307 1.82 -15.44 -18.70
N VAL A 308 3.05 -15.48 -18.19
CA VAL A 308 3.32 -16.13 -16.90
C VAL A 308 2.68 -15.34 -15.74
N PHE A 309 2.71 -14.02 -15.83
CA PHE A 309 1.90 -13.23 -14.95
C PHE A 309 0.40 -13.46 -15.05
N LEU A 310 -0.15 -13.55 -16.27
CA LEU A 310 -1.61 -13.74 -16.39
C LEU A 310 -1.96 -15.12 -15.83
N GLN A 311 -1.06 -16.08 -16.00
CA GLN A 311 -1.27 -17.41 -15.43
C GLN A 311 -1.19 -17.41 -13.92
N TYR A 312 -0.24 -16.64 -13.36
CA TYR A 312 -0.13 -16.53 -11.88
C TYR A 312 -1.38 -15.90 -11.32
N GLU A 313 -1.89 -14.89 -11.98
CA GLU A 313 -3.00 -14.17 -11.45
C GLU A 313 -4.19 -15.11 -11.23
N GLU A 314 -4.42 -16.03 -12.17
CA GLU A 314 -5.58 -16.93 -12.11
C GLU A 314 -5.44 -17.89 -10.97
N ASP A 315 -4.27 -18.56 -10.87
CA ASP A 315 -3.98 -19.51 -9.80
C ASP A 315 -4.02 -18.88 -8.40
N SER A 316 -3.41 -17.71 -8.25
CA SER A 316 -3.47 -17.00 -6.98
C SER A 316 -4.94 -16.73 -6.64
N TYR A 317 -5.66 -16.17 -7.59
CA TYR A 317 -7.06 -15.89 -7.32
C TYR A 317 -7.74 -17.17 -6.77
N SER A 318 -7.51 -18.32 -7.39
CA SER A 318 -8.24 -19.53 -7.00
C SER A 318 -7.87 -19.94 -5.61
N HIS A 319 -6.57 -19.87 -5.33
CA HIS A 319 -6.03 -20.05 -3.97
C HIS A 319 -6.54 -19.05 -2.91
N ILE A 320 -6.56 -17.77 -3.20
CA ILE A 320 -7.12 -16.88 -2.20
C ILE A 320 -8.59 -17.27 -1.90
N MET A 321 -9.33 -17.64 -2.95
CA MET A 321 -10.74 -18.01 -2.79
C MET A 321 -10.81 -19.28 -1.93
N ALA A 322 -9.92 -20.25 -2.16
CA ALA A 322 -9.88 -21.45 -1.29
C ALA A 322 -9.68 -21.00 0.18
N LEU A 323 -8.73 -20.10 0.34
CA LEU A 323 -8.38 -19.61 1.65
C LEU A 323 -9.55 -18.90 2.28
N ILE A 324 -10.32 -18.14 1.49
CA ILE A 324 -11.55 -17.60 2.03
C ILE A 324 -12.58 -18.64 2.47
N GLU A 325 -12.84 -19.64 1.63
CA GLU A 325 -13.69 -20.79 2.02
C GLU A 325 -13.18 -21.37 3.33
N GLN A 326 -11.85 -21.39 3.51
CA GLN A 326 -11.27 -22.01 4.71
C GLN A 326 -11.38 -21.18 6.01
N TYR A 327 -11.18 -19.88 5.91
CA TYR A 327 -10.80 -19.09 7.09
C TYR A 327 -11.69 -17.87 7.32
N ALA A 328 -12.61 -17.57 6.40
CA ALA A 328 -13.53 -16.43 6.56
C ALA A 328 -14.41 -16.45 7.80
N ALA A 329 -14.93 -17.63 8.09
CA ALA A 329 -15.72 -17.91 9.28
C ALA A 329 -15.06 -17.49 10.59
N PRO A 330 -15.83 -16.86 11.46
CA PRO A 330 -17.22 -16.55 11.39
C PRO A 330 -17.53 -15.18 10.80
N LEU A 331 -16.60 -14.60 10.03
CA LEU A 331 -16.86 -13.32 9.42
C LEU A 331 -17.63 -13.46 8.09
N PRO A 332 -18.40 -12.43 7.71
CA PRO A 332 -19.06 -12.47 6.41
C PRO A 332 -18.06 -12.62 5.29
N PRO A 333 -18.24 -13.62 4.41
CA PRO A 333 -17.24 -13.68 3.33
C PRO A 333 -17.21 -12.49 2.38
N ALA A 334 -18.30 -11.74 2.27
CA ALA A 334 -18.33 -10.49 1.48
C ALA A 334 -17.18 -9.53 1.80
N VAL A 335 -16.81 -9.48 3.06
CA VAL A 335 -15.61 -8.74 3.46
C VAL A 335 -14.40 -9.07 2.58
N PHE A 336 -14.05 -10.36 2.46
CA PHE A 336 -12.88 -10.71 1.64
C PHE A 336 -13.20 -10.66 0.17
N LEU A 337 -14.38 -11.10 -0.19
CA LEU A 337 -14.77 -11.12 -1.60
C LEU A 337 -14.78 -9.76 -2.24
N GLY A 338 -15.32 -8.73 -1.55
CA GLY A 338 -15.40 -7.37 -2.13
C GLY A 338 -14.00 -6.84 -2.40
N LEU A 339 -13.10 -7.15 -1.49
CA LEU A 339 -11.72 -6.73 -1.61
C LEU A 339 -10.96 -7.52 -2.66
N ALA A 340 -11.21 -8.83 -2.76
CA ALA A 340 -10.65 -9.60 -3.89
C ALA A 340 -11.20 -9.17 -5.26
N ARG A 341 -12.43 -8.70 -5.31
CA ARG A 341 -12.98 -8.23 -6.57
C ARG A 341 -12.23 -6.97 -6.97
N LYS A 342 -11.85 -6.19 -5.97
CA LYS A 342 -11.25 -4.89 -6.20
C LYS A 342 -9.85 -4.94 -6.78
N ILE A 343 -9.14 -6.06 -6.56
CA ILE A 343 -7.77 -6.22 -7.04
C ILE A 343 -7.60 -7.24 -8.17
N TYR A 344 -8.60 -8.09 -8.40
CA TYR A 344 -8.59 -9.00 -9.53
C TYR A 344 -8.73 -8.21 -10.82
N LYS A 345 -7.89 -8.53 -11.80
CA LYS A 345 -7.89 -7.87 -13.12
C LYS A 345 -7.34 -6.43 -13.16
N ARG A 346 -6.81 -5.93 -12.04
CA ARG A 346 -6.59 -4.47 -11.87
C ARG A 346 -5.38 -4.00 -12.72
N ARG A 347 -5.40 -2.73 -13.12
CA ARG A 347 -4.29 -2.17 -13.89
C ARG A 347 -3.94 -0.71 -13.58
N LYS A 348 -4.57 -0.12 -12.55
CA LYS A 348 -3.98 0.99 -11.76
C LYS A 348 -3.78 0.56 -10.31
#